data_2I1Y
#
_entry.id   2I1Y
#
_cell.length_a   72.907
_cell.length_b   74.229
_cell.length_c   121.067
_cell.angle_alpha   90.00
_cell.angle_beta   90.00
_cell.angle_gamma   90.00
#
_symmetry.space_group_name_H-M   'P 21 21 21'
#
loop_
_entity.id
_entity.type
_entity.pdbx_description
1 polymer 'Receptor-type tyrosine-protein phosphatase'
2 non-polymer GLYCEROL
3 water water
#
_entity_poly.entity_id   1
_entity_poly.type   'polypeptide(L)'
_entity_poly.pdbx_seq_one_letter_code
;SLEPAQANMDISTGHMILAYMEDHLRNRDRLAKEWQALCAYQAEPNTCATAQGEGNIKKNRHPDFLPYDHARIKLKVESS
PSRSDYINASPIIEHDPRMPAYIATQGPLSHTIADFWQMVWESGCTVIVMLTPLVEDGVKQCDRYWPDEGASLYHVYEVN
LVSEHIWCEDFLVRSFYLKNVQTQETRTLTQFHFLSWPAEGTPASTRPLLDFRRKVNKCYRGRSCPIIVHCSDGAGRTGT
YILIDMVLNRMAKGVKEIDIAATLEHVRDQRPGLVRSKDQFEFALTAVAEEVNAILKALPQ
;
_entity_poly.pdbx_strand_id   A,B
#
loop_
_chem_comp.id
_chem_comp.type
_chem_comp.name
_chem_comp.formula
GOL non-polymer GLYCEROL 'C3 H8 O3'
#
# COMPACT_ATOMS: atom_id res chain seq x y z
N THR A 13 3.60 -3.14 33.36
CA THR A 13 3.42 -1.81 32.80
C THR A 13 3.23 -1.85 31.29
N GLY A 14 2.48 -0.89 30.77
CA GLY A 14 2.21 -0.79 29.35
C GLY A 14 3.21 0.17 28.77
N HIS A 15 3.67 1.00 29.70
CA HIS A 15 4.67 1.97 29.45
C HIS A 15 5.95 1.19 29.23
N MET A 16 6.13 0.07 29.94
CA MET A 16 7.36 -0.70 29.71
C MET A 16 7.30 -1.47 28.39
N ILE A 17 6.15 -2.11 28.15
CA ILE A 17 5.91 -2.89 26.95
C ILE A 17 5.82 -2.00 25.70
N LEU A 18 5.20 -0.84 25.85
CA LEU A 18 5.17 0.15 24.76
C LEU A 18 6.55 0.71 24.40
N ALA A 19 7.41 0.87 25.40
CA ALA A 19 8.80 1.30 25.19
C ALA A 19 9.60 0.27 24.40
N TYR A 20 9.36 -1.00 24.69
CA TYR A 20 9.93 -2.15 23.98
C TYR A 20 9.54 -2.22 22.49
N MET A 21 8.26 -2.00 22.20
CA MET A 21 7.74 -2.14 20.84
C MET A 21 8.23 -1.01 19.95
N GLU A 22 8.36 0.17 20.54
CA GLU A 22 8.81 1.35 19.83
C GLU A 22 10.30 1.25 19.46
N ASP A 23 11.11 0.73 20.39
CA ASP A 23 12.47 0.29 20.12
C ASP A 23 12.57 -0.79 19.03
N HIS A 24 11.68 -1.78 19.11
CA HIS A 24 11.53 -2.83 18.07
C HIS A 24 11.23 -2.23 16.67
N LEU A 25 10.34 -1.26 16.64
CA LEU A 25 9.92 -0.61 15.39
C LEU A 25 11.03 0.22 14.72
N ARG A 26 11.81 0.93 15.52
CA ARG A 26 12.95 1.70 15.04
C ARG A 26 14.12 0.82 14.58
N ASN A 27 14.10 -0.44 14.98
CA ASN A 27 15.22 -1.35 14.73
C ASN A 27 14.99 -2.16 13.46
N ARG A 28 15.40 -1.59 12.34
CA ARG A 28 15.04 -2.11 11.02
CA ARG A 28 15.02 -2.14 11.04
C ARG A 28 15.86 -3.35 10.65
N ASP A 29 17.04 -3.47 11.25
CA ASP A 29 17.86 -4.66 11.08
C ASP A 29 17.26 -5.86 11.81
N ARG A 30 16.68 -5.61 12.98
CA ARG A 30 15.95 -6.63 13.72
C ARG A 30 14.69 -7.08 12.99
N LEU A 31 13.92 -6.13 12.50
CA LEU A 31 12.82 -6.36 11.54
C LEU A 31 13.20 -7.22 10.34
N ALA A 32 14.27 -6.84 9.63
CA ALA A 32 14.73 -7.57 8.44
C ALA A 32 15.14 -9.01 8.76
N LYS A 33 15.73 -9.21 9.94
CA LYS A 33 16.20 -10.53 10.37
C LYS A 33 15.08 -11.45 10.85
N GLU A 34 14.12 -10.88 11.59
CA GLU A 34 12.90 -11.59 11.93
C GLU A 34 12.13 -12.06 10.70
N TRP A 35 11.94 -11.17 9.74
CA TRP A 35 11.21 -11.49 8.52
C TRP A 35 11.90 -12.57 7.69
N GLN A 36 13.21 -12.44 7.53
CA GLN A 36 14.03 -13.47 6.89
C GLN A 36 13.86 -14.86 7.52
N ALA A 37 13.93 -14.93 8.84
CA ALA A 37 13.65 -16.15 9.61
C ALA A 37 12.23 -16.69 9.43
N LEU A 38 11.29 -15.78 9.21
CA LEU A 38 9.88 -16.11 9.02
C LEU A 38 9.59 -16.61 7.61
N CYS A 39 10.32 -16.09 6.63
CA CYS A 39 10.23 -16.58 5.26
C CYS A 39 10.71 -18.00 5.11
N ALA A 40 11.59 -18.41 6.01
CA ALA A 40 12.12 -19.76 6.06
C ALA A 40 11.36 -20.66 7.04
N TYR A 41 10.34 -20.11 7.68
CA TYR A 41 9.58 -20.89 8.65
C TYR A 41 8.67 -21.92 7.97
N GLN A 42 8.73 -23.13 8.49
CA GLN A 42 7.94 -24.24 7.98
C GLN A 42 7.28 -24.99 9.12
N ALA A 43 5.96 -25.13 9.05
CA ALA A 43 5.25 -25.87 10.09
C ALA A 43 5.48 -27.36 9.95
N GLU A 44 5.19 -28.09 11.01
CA GLU A 44 5.24 -29.56 11.01
C GLU A 44 4.00 -30.10 11.71
N PRO A 45 3.06 -30.68 10.94
CA PRO A 45 3.15 -30.93 9.49
C PRO A 45 2.73 -29.72 8.65
N ASN A 46 2.85 -29.86 7.33
CA ASN A 46 2.62 -28.76 6.42
C ASN A 46 1.95 -29.20 5.12
N THR A 47 1.40 -30.41 5.13
CA THR A 47 0.81 -30.98 3.93
C THR A 47 -0.58 -30.39 3.64
N CYS A 48 -0.81 -30.05 2.37
CA CYS A 48 -2.08 -29.48 1.92
C CYS A 48 -2.69 -30.34 0.82
N ALA A 49 -2.55 -31.66 0.94
CA ALA A 49 -2.91 -32.60 -0.13
C ALA A 49 -4.41 -32.66 -0.49
N THR A 50 -5.28 -32.62 0.52
CA THR A 50 -6.74 -32.63 0.30
C THR A 50 -7.20 -31.39 -0.49
N ALA A 51 -6.69 -30.22 -0.10
CA ALA A 51 -6.97 -28.96 -0.80
C ALA A 51 -6.51 -28.99 -2.25
N GLN A 52 -5.41 -29.69 -2.50
CA GLN A 52 -4.77 -29.75 -3.81
C GLN A 52 -5.38 -30.84 -4.71
N GLY A 53 -6.22 -31.69 -4.12
CA GLY A 53 -6.90 -32.76 -4.85
C GLY A 53 -7.82 -32.28 -5.94
N GLU A 54 -8.07 -33.15 -6.92
CA GLU A 54 -8.59 -32.76 -8.23
C GLU A 54 -9.98 -32.11 -8.18
N GLY A 55 -10.84 -32.65 -7.32
CA GLY A 55 -12.18 -32.10 -7.10
C GLY A 55 -12.17 -30.69 -6.52
N ASN A 56 -11.12 -30.38 -5.76
CA ASN A 56 -11.08 -29.19 -4.93
C ASN A 56 -10.35 -27.97 -5.51
N ILE A 57 -9.60 -28.15 -6.61
CA ILE A 57 -8.78 -27.07 -7.19
C ILE A 57 -9.60 -25.85 -7.61
N LYS A 58 -10.82 -26.10 -8.06
CA LYS A 58 -11.70 -25.07 -8.57
C LYS A 58 -12.33 -24.28 -7.43
N LYS A 59 -12.19 -24.79 -6.21
CA LYS A 59 -12.82 -24.20 -5.03
C LYS A 59 -11.86 -23.28 -4.27
N ASN A 60 -10.62 -23.20 -4.75
CA ASN A 60 -9.58 -22.33 -4.18
C ASN A 60 -9.37 -21.10 -5.05
N ARG A 61 -9.26 -19.93 -4.40
CA ARG A 61 -9.08 -18.69 -5.13
C ARG A 61 -7.65 -18.57 -5.62
N HIS A 62 -6.71 -19.01 -4.79
CA HIS A 62 -5.28 -18.88 -5.04
C HIS A 62 -4.62 -20.20 -4.66
N PRO A 63 -3.90 -20.85 -5.61
CA PRO A 63 -3.29 -22.17 -5.42
C PRO A 63 -2.25 -22.26 -4.29
N ASP A 64 -1.64 -21.14 -3.96
CA ASP A 64 -0.59 -21.10 -2.94
C ASP A 64 -1.15 -20.89 -1.54
N PHE A 65 -2.44 -20.60 -1.44
CA PHE A 65 -3.05 -20.25 -0.16
C PHE A 65 -4.21 -21.13 0.27
N LEU A 66 -3.87 -22.18 1.01
CA LEU A 66 -4.71 -23.36 1.17
C LEU A 66 -4.74 -23.72 2.65
N PRO A 67 -5.74 -24.51 3.09
CA PRO A 67 -5.64 -25.06 4.45
C PRO A 67 -4.73 -26.29 4.51
N TYR A 68 -4.02 -26.43 5.63
CA TYR A 68 -3.38 -27.70 6.01
C TYR A 68 -4.43 -28.81 6.18
N ASP A 69 -4.07 -30.03 5.82
CA ASP A 69 -4.88 -31.21 6.13
C ASP A 69 -5.27 -31.35 7.59
N HIS A 70 -4.34 -31.03 8.48
CA HIS A 70 -4.54 -31.19 9.93
C HIS A 70 -5.35 -30.05 10.55
N ALA A 71 -5.62 -28.99 9.76
CA ALA A 71 -6.32 -27.82 10.27
C ALA A 71 -7.20 -27.22 9.19
N ARG A 72 -8.27 -27.93 8.83
CA ARG A 72 -9.26 -27.38 7.91
C ARG A 72 -10.69 -27.56 8.41
N ILE A 73 -11.53 -26.61 8.05
CA ILE A 73 -12.95 -26.69 8.31
C ILE A 73 -13.57 -27.73 7.39
N LYS A 74 -14.31 -28.66 7.99
CA LYS A 74 -15.00 -29.71 7.26
C LYS A 74 -16.50 -29.42 7.29
N LEU A 75 -17.09 -29.21 6.12
CA LEU A 75 -18.56 -29.08 6.01
C LEU A 75 -19.19 -30.43 6.24
N LYS A 76 -20.39 -30.46 6.84
CA LYS A 76 -21.15 -31.71 7.01
C LYS A 76 -21.67 -32.22 5.67
N VAL A 77 -21.12 -33.35 5.22
CA VAL A 77 -21.31 -33.87 3.87
C VAL A 77 -22.80 -34.02 3.46
N GLU A 78 -23.62 -34.41 4.43
CA GLU A 78 -25.06 -34.63 4.21
C GLU A 78 -25.80 -33.33 3.94
N SER A 79 -25.30 -32.26 4.54
CA SER A 79 -25.90 -30.93 4.37
C SER A 79 -25.36 -30.20 3.15
N SER A 80 -24.32 -30.74 2.53
CA SER A 80 -23.70 -30.11 1.38
C SER A 80 -24.44 -30.46 0.09
N PRO A 81 -24.83 -29.43 -0.70
CA PRO A 81 -25.42 -29.60 -2.04
C PRO A 81 -24.60 -30.45 -3.02
N SER A 82 -23.26 -30.36 -2.94
CA SER A 82 -22.37 -31.15 -3.78
C SER A 82 -21.87 -32.43 -3.09
N ARG A 83 -22.29 -32.63 -1.85
CA ARG A 83 -21.89 -33.76 -1.02
C ARG A 83 -20.39 -33.83 -0.71
N SER A 84 -19.76 -32.67 -0.61
CA SER A 84 -18.34 -32.55 -0.31
C SER A 84 -18.13 -31.89 1.06
N ASP A 85 -16.97 -32.12 1.67
CA ASP A 85 -16.65 -31.48 2.94
C ASP A 85 -15.76 -30.23 2.81
N TYR A 86 -15.37 -29.91 1.57
CA TYR A 86 -14.25 -29.01 1.37
C TYR A 86 -14.65 -27.54 1.28
N ILE A 87 -13.98 -26.72 2.10
CA ILE A 87 -13.93 -25.30 1.92
C ILE A 87 -12.50 -24.85 2.25
N ASN A 88 -12.01 -23.83 1.54
CA ASN A 88 -10.72 -23.22 1.86
C ASN A 88 -10.87 -22.34 3.11
N ALA A 89 -10.80 -22.98 4.27
CA ALA A 89 -10.96 -22.31 5.54
C ALA A 89 -10.20 -23.07 6.60
N SER A 90 -9.60 -22.33 7.54
CA SER A 90 -8.78 -22.91 8.60
C SER A 90 -9.22 -22.39 9.97
N PRO A 91 -9.38 -23.31 10.95
CA PRO A 91 -9.55 -22.84 12.32
C PRO A 91 -8.21 -22.29 12.85
N ILE A 92 -8.28 -21.14 13.53
CA ILE A 92 -7.12 -20.61 14.22
C ILE A 92 -7.43 -20.45 15.70
N ILE A 93 -6.74 -21.22 16.53
CA ILE A 93 -7.01 -21.33 17.97
C ILE A 93 -5.89 -20.71 18.82
N GLU A 94 -6.16 -20.54 20.10
CA GLU A 94 -5.17 -20.79 21.15
C GLU A 94 -5.44 -22.10 21.88
N HIS A 95 -4.46 -22.56 22.65
CA HIS A 95 -4.60 -23.81 23.41
C HIS A 95 -5.74 -23.73 24.43
N ASP A 96 -5.76 -22.63 25.18
CA ASP A 96 -6.91 -22.23 26.00
C ASP A 96 -8.18 -22.07 25.15
N PRO A 97 -9.28 -22.67 25.57
CA PRO A 97 -10.56 -22.53 24.86
C PRO A 97 -11.33 -21.27 25.26
N ARG A 98 -10.96 -20.66 26.39
CA ARG A 98 -11.62 -19.44 26.84
C ARG A 98 -11.12 -18.27 26.02
N MET A 99 -10.17 -18.52 25.15
CA MET A 99 -9.64 -17.47 24.32
C MET A 99 -10.33 -17.40 22.96
N PRO A 100 -10.27 -16.24 22.34
CA PRO A 100 -10.95 -16.05 21.05
C PRO A 100 -10.41 -16.84 19.88
N ALA A 101 -11.30 -17.57 19.20
CA ALA A 101 -10.95 -18.35 18.04
C ALA A 101 -11.41 -17.67 16.76
N TYR A 102 -10.78 -18.04 15.67
CA TYR A 102 -11.07 -17.51 14.33
C TYR A 102 -11.23 -18.64 13.35
N ILE A 103 -11.95 -18.34 12.26
CA ILE A 103 -11.80 -19.06 11.01
C ILE A 103 -11.18 -18.09 9.98
N ALA A 104 -10.01 -18.45 9.47
CA ALA A 104 -9.36 -17.70 8.40
C ALA A 104 -9.71 -18.34 7.07
N THR A 105 -10.27 -17.56 6.15
CA THR A 105 -10.79 -18.16 4.92
C THR A 105 -10.58 -17.18 3.78
N GLN A 106 -10.59 -17.71 2.55
CA GLN A 106 -10.53 -16.88 1.34
C GLN A 106 -11.84 -16.14 1.16
N GLY A 107 -11.80 -15.08 0.35
CA GLY A 107 -13.02 -14.46 -0.17
C GLY A 107 -13.77 -15.42 -1.06
N PRO A 108 -15.08 -15.63 -0.77
CA PRO A 108 -15.84 -16.67 -1.49
C PRO A 108 -15.81 -16.45 -3.00
N LEU A 109 -15.72 -17.54 -3.74
CA LEU A 109 -15.91 -17.51 -5.18
C LEU A 109 -17.40 -17.64 -5.45
N SER A 110 -17.80 -17.33 -6.70
CA SER A 110 -19.19 -17.45 -7.10
C SER A 110 -19.77 -18.83 -6.83
N HIS A 111 -18.95 -19.87 -7.00
CA HIS A 111 -19.42 -21.24 -6.82
C HIS A 111 -19.19 -21.79 -5.42
N THR A 112 -18.55 -21.01 -4.55
CA THR A 112 -18.39 -21.41 -3.15
C THR A 112 -19.21 -20.58 -2.16
N ILE A 113 -20.16 -19.80 -2.68
CA ILE A 113 -21.02 -18.95 -1.84
C ILE A 113 -21.95 -19.74 -0.91
N ALA A 114 -22.53 -20.83 -1.41
CA ALA A 114 -23.34 -21.72 -0.57
C ALA A 114 -22.52 -22.53 0.46
N ASP A 115 -21.31 -22.94 0.07
CA ASP A 115 -20.32 -23.51 1.01
C ASP A 115 -19.95 -22.58 2.18
N PHE A 116 -19.71 -21.31 1.85
CA PHE A 116 -19.41 -20.28 2.83
C PHE A 116 -20.51 -20.16 3.89
N TRP A 117 -21.75 -20.07 3.44
CA TRP A 117 -22.88 -19.91 4.34
C TRP A 117 -23.19 -21.15 5.19
N GLN A 118 -22.95 -22.33 4.62
CA GLN A 118 -23.01 -23.58 5.38
C GLN A 118 -21.94 -23.62 6.46
N MET A 119 -20.78 -23.07 6.15
CA MET A 119 -19.74 -22.89 7.15
C MET A 119 -20.16 -21.92 8.26
N VAL A 120 -20.66 -20.74 7.88
CA VAL A 120 -21.25 -19.79 8.84
C VAL A 120 -22.30 -20.49 9.72
N TRP A 121 -23.24 -21.18 9.11
CA TRP A 121 -24.27 -21.85 9.88
C TRP A 121 -23.76 -22.86 10.89
N GLU A 122 -22.92 -23.80 10.43
CA GLU A 122 -22.53 -24.94 11.25
C GLU A 122 -21.47 -24.57 12.29
N SER A 123 -20.76 -23.46 12.08
CA SER A 123 -19.77 -22.97 13.04
C SER A 123 -20.38 -22.23 14.23
N GLY A 124 -21.58 -21.71 14.06
CA GLY A 124 -22.17 -20.87 15.10
C GLY A 124 -21.93 -19.38 14.93
N CYS A 125 -21.19 -19.02 13.89
CA CYS A 125 -20.65 -17.68 13.71
C CYS A 125 -21.71 -16.58 13.60
N THR A 126 -21.53 -15.53 14.40
CA THR A 126 -22.39 -14.35 14.40
C THR A 126 -21.62 -13.09 13.91
N VAL A 127 -20.31 -13.22 13.67
CA VAL A 127 -19.49 -12.08 13.24
C VAL A 127 -18.64 -12.43 12.03
N ILE A 128 -18.74 -11.64 10.96
CA ILE A 128 -17.84 -11.77 9.82
C ILE A 128 -17.01 -10.51 9.65
N VAL A 129 -15.69 -10.69 9.53
CA VAL A 129 -14.76 -9.62 9.19
C VAL A 129 -14.29 -9.76 7.75
N MET A 130 -14.69 -8.81 6.90
CA MET A 130 -14.30 -8.76 5.49
C MET A 130 -13.29 -7.64 5.31
N LEU A 131 -12.13 -7.95 4.72
CA LEU A 131 -10.97 -7.03 4.79
C LEU A 131 -10.55 -6.49 3.44
N THR A 132 -11.37 -6.75 2.43
CA THR A 132 -11.10 -6.35 1.07
C THR A 132 -12.33 -5.67 0.47
N PRO A 133 -12.12 -4.72 -0.46
CA PRO A 133 -13.19 -4.39 -1.41
C PRO A 133 -13.38 -5.50 -2.42
N LEU A 134 -14.56 -5.55 -3.04
CA LEU A 134 -14.89 -6.60 -4.00
C LEU A 134 -13.96 -6.57 -5.21
N VAL A 135 -13.55 -5.35 -5.59
CA VAL A 135 -12.66 -5.12 -6.73
C VAL A 135 -11.61 -4.09 -6.32
N GLU A 136 -10.35 -4.36 -6.63
CA GLU A 136 -9.25 -3.44 -6.37
C GLU A 136 -8.54 -3.13 -7.68
N ASP A 137 -8.42 -1.82 -7.99
CA ASP A 137 -8.24 -1.33 -9.36
C ASP A 137 -8.51 -2.34 -10.47
N GLY A 138 -9.75 -2.73 -10.70
CA GLY A 138 -10.06 -3.62 -11.82
C GLY A 138 -9.81 -5.09 -11.56
N VAL A 139 -9.08 -5.40 -10.48
CA VAL A 139 -8.88 -6.80 -10.08
C VAL A 139 -9.92 -7.22 -9.02
N LYS A 140 -10.76 -8.19 -9.39
CA LYS A 140 -11.73 -8.76 -8.49
C LYS A 140 -11.02 -9.51 -7.35
N GLN A 141 -11.44 -9.21 -6.13
CA GLN A 141 -10.81 -9.73 -4.91
C GLN A 141 -11.71 -10.77 -4.25
N CYS A 142 -13.01 -10.63 -4.46
CA CYS A 142 -14.01 -11.40 -3.74
C CYS A 142 -15.33 -11.33 -4.52
N ASP A 143 -16.11 -12.41 -4.48
CA ASP A 143 -17.47 -12.36 -5.02
C ASP A 143 -18.49 -12.00 -3.94
N ARG A 144 -19.54 -11.29 -4.33
CA ARG A 144 -20.53 -10.78 -3.37
C ARG A 144 -21.40 -11.91 -2.88
N TYR A 145 -21.43 -12.10 -1.56
CA TYR A 145 -22.06 -13.28 -0.97
C TYR A 145 -23.22 -12.87 -0.09
N TRP A 146 -23.66 -11.63 -0.23
CA TRP A 146 -24.69 -11.05 0.64
C TRP A 146 -25.60 -10.24 -0.26
N PRO A 147 -26.89 -10.10 0.12
CA PRO A 147 -27.81 -9.22 -0.63
C PRO A 147 -27.49 -7.72 -0.46
N ASP A 148 -27.59 -6.96 -1.54
CA ASP A 148 -27.36 -5.52 -1.50
C ASP A 148 -28.52 -4.86 -0.80
N GLU A 149 -29.70 -5.46 -0.98
CA GLU A 149 -30.92 -5.00 -0.33
C GLU A 149 -31.88 -6.19 -0.28
N GLY A 150 -32.76 -6.20 0.72
CA GLY A 150 -33.70 -7.30 0.90
C GLY A 150 -33.03 -8.61 1.27
N ALA A 151 -33.43 -9.68 0.60
CA ALA A 151 -33.06 -11.04 0.96
C ALA A 151 -32.53 -11.81 -0.23
N SER A 152 -31.65 -12.75 0.06
CA SER A 152 -31.13 -13.69 -0.94
C SER A 152 -31.06 -15.06 -0.27
N LEU A 153 -31.28 -16.11 -1.07
CA LEU A 153 -31.31 -17.47 -0.55
C LEU A 153 -30.18 -18.27 -1.17
N TYR A 154 -29.27 -18.74 -0.32
CA TYR A 154 -28.12 -19.51 -0.78
C TYR A 154 -28.28 -20.92 -0.21
N HIS A 155 -28.60 -21.89 -1.08
CA HIS A 155 -29.08 -23.20 -0.65
C HIS A 155 -30.25 -23.06 0.34
N VAL A 156 -30.05 -23.41 1.61
CA VAL A 156 -31.13 -23.34 2.61
C VAL A 156 -30.97 -22.17 3.59
N TYR A 157 -30.05 -21.26 3.27
CA TYR A 157 -29.71 -20.14 4.15
C TYR A 157 -30.22 -18.85 3.54
N GLU A 158 -31.28 -18.33 4.14
CA GLU A 158 -31.85 -17.06 3.72
C GLU A 158 -31.14 -15.93 4.46
N VAL A 159 -30.52 -15.03 3.69
CA VAL A 159 -29.78 -13.92 4.27
C VAL A 159 -30.57 -12.63 4.03
N ASN A 160 -30.99 -11.97 5.11
CA ASN A 160 -31.76 -10.73 5.02
C ASN A 160 -30.93 -9.52 5.46
N LEU A 161 -30.71 -8.56 4.56
CA LEU A 161 -30.06 -7.31 4.93
C LEU A 161 -31.00 -6.44 5.75
N VAL A 162 -30.78 -6.39 7.04
CA VAL A 162 -31.58 -5.56 7.94
C VAL A 162 -31.09 -4.11 7.91
N SER A 163 -29.78 -3.93 8.08
CA SER A 163 -29.21 -2.61 8.34
C SER A 163 -27.87 -2.44 7.63
N GLU A 164 -27.62 -1.26 7.09
CA GLU A 164 -26.26 -0.89 6.69
C GLU A 164 -25.87 0.48 7.24
N HIS A 165 -24.81 0.52 8.04
CA HIS A 165 -24.32 1.75 8.67
C HIS A 165 -22.92 2.02 8.14
N ILE A 166 -22.78 3.05 7.31
CA ILE A 166 -21.48 3.55 6.94
C ILE A 166 -20.91 4.48 8.01
N TRP A 167 -19.85 4.04 8.69
CA TRP A 167 -19.26 4.82 9.78
C TRP A 167 -18.31 5.88 9.25
N CYS A 168 -17.54 5.51 8.22
CA CYS A 168 -16.66 6.44 7.53
C CYS A 168 -16.35 5.82 6.19
N GLU A 169 -15.43 6.45 5.46
CA GLU A 169 -15.01 5.93 4.16
C GLU A 169 -14.14 4.69 4.27
N ASP A 170 -13.61 4.44 5.46
CA ASP A 170 -12.75 3.28 5.70
C ASP A 170 -13.54 2.01 5.96
N PHE A 171 -14.69 2.13 6.64
CA PHE A 171 -15.47 0.96 6.99
C PHE A 171 -16.98 1.13 7.16
N LEU A 172 -17.73 0.06 6.91
CA LEU A 172 -19.15 0.03 7.20
C LEU A 172 -19.53 -1.25 7.93
N VAL A 173 -20.78 -1.31 8.39
CA VAL A 173 -21.28 -2.49 9.09
C VAL A 173 -22.63 -2.91 8.50
N ARG A 174 -22.72 -4.17 8.06
CA ARG A 174 -24.00 -4.74 7.70
C ARG A 174 -24.51 -5.70 8.77
N SER A 175 -25.78 -5.53 9.15
CA SER A 175 -26.44 -6.45 10.08
C SER A 175 -27.39 -7.33 9.29
N PHE A 176 -27.38 -8.62 9.59
CA PHE A 176 -28.16 -9.58 8.83
C PHE A 176 -29.03 -10.42 9.73
N TYR A 177 -30.18 -10.79 9.21
CA TYR A 177 -31.02 -11.83 9.78
C TYR A 177 -30.88 -13.08 8.91
N LEU A 178 -30.37 -14.16 9.50
N LEU A 178 -30.32 -14.13 9.50
CA LEU A 178 -30.10 -15.40 8.78
CA LEU A 178 -30.17 -15.41 8.83
C LEU A 178 -31.09 -16.50 9.16
C LEU A 178 -31.36 -16.29 9.15
N LYS A 179 -31.77 -17.08 8.17
CA LYS A 179 -32.70 -18.17 8.41
C LYS A 179 -32.27 -19.43 7.67
N ASN A 180 -32.08 -20.51 8.41
CA ASN A 180 -32.14 -21.85 7.85
C ASN A 180 -33.58 -22.17 7.52
N VAL A 181 -33.92 -22.24 6.22
CA VAL A 181 -35.33 -22.37 5.80
C VAL A 181 -35.82 -23.80 5.97
N GLN A 182 -34.88 -24.73 6.04
CA GLN A 182 -35.20 -26.14 6.28
C GLN A 182 -35.68 -26.35 7.71
N THR A 183 -34.89 -25.90 8.67
CA THR A 183 -35.19 -26.14 10.08
C THR A 183 -35.99 -25.00 10.68
N GLN A 184 -36.02 -23.86 9.97
CA GLN A 184 -36.69 -22.63 10.40
C GLN A 184 -36.04 -21.91 11.59
N GLU A 185 -34.83 -22.34 11.95
CA GLU A 185 -34.02 -21.63 12.95
C GLU A 185 -33.43 -20.33 12.40
N THR A 186 -33.24 -19.37 13.30
CA THR A 186 -32.87 -18.02 12.91
C THR A 186 -31.63 -17.62 13.69
N ARG A 187 -30.91 -16.62 13.18
CA ARG A 187 -29.74 -16.08 13.84
C ARG A 187 -29.48 -14.66 13.33
N THR A 188 -29.06 -13.78 14.22
CA THR A 188 -28.51 -12.50 13.80
C THR A 188 -27.00 -12.55 13.58
N LEU A 189 -26.56 -11.86 12.53
CA LEU A 189 -25.14 -11.85 12.19
C LEU A 189 -24.74 -10.44 11.76
N THR A 190 -23.54 -10.04 12.14
CA THR A 190 -22.99 -8.75 11.73
C THR A 190 -21.77 -8.92 10.85
N GLN A 191 -21.78 -8.26 9.69
CA GLN A 191 -20.60 -8.23 8.84
C GLN A 191 -19.87 -6.89 8.93
N PHE A 192 -18.61 -6.96 9.30
CA PHE A 192 -17.77 -5.79 9.41
C PHE A 192 -16.88 -5.76 8.18
N HIS A 193 -17.06 -4.72 7.36
CA HIS A 193 -16.42 -4.63 6.05
C HIS A 193 -15.44 -3.47 6.02
N PHE A 194 -14.15 -3.79 5.95
CA PHE A 194 -13.11 -2.78 5.87
C PHE A 194 -12.77 -2.56 4.40
N LEU A 195 -12.83 -1.31 3.98
CA LEU A 195 -12.89 -0.99 2.56
C LEU A 195 -11.55 -0.47 2.03
N SER A 196 -10.68 -0.05 2.95
CA SER A 196 -9.55 0.80 2.60
C SER A 196 -8.19 0.11 2.72
N TRP A 197 -8.17 -1.22 2.81
CA TRP A 197 -6.94 -1.98 2.99
C TRP A 197 -6.47 -2.58 1.66
N PRO A 198 -5.37 -2.05 1.11
CA PRO A 198 -4.83 -2.56 -0.15
C PRO A 198 -4.18 -3.94 0.03
N ALA A 199 -4.25 -4.77 -1.01
CA ALA A 199 -3.65 -6.11 -0.98
C ALA A 199 -2.10 -6.07 -1.01
N GLU A 200 -1.57 -5.07 -1.71
CA GLU A 200 -0.13 -4.80 -1.75
C GLU A 200 0.09 -3.50 -1.03
N GLY A 201 1.14 -3.41 -0.22
CA GLY A 201 1.34 -2.26 0.66
C GLY A 201 0.29 -2.13 1.75
N THR A 202 0.55 -1.26 2.72
CA THR A 202 -0.30 -1.17 3.90
C THR A 202 -1.09 0.15 3.95
N PRO A 203 -2.13 0.22 4.80
CA PRO A 203 -2.70 1.54 5.14
C PRO A 203 -1.70 2.48 5.82
N ALA A 204 -1.81 3.77 5.51
CA ALA A 204 -0.83 4.75 5.96
C ALA A 204 -0.99 5.03 7.44
N SER A 205 -2.21 4.83 7.96
CA SER A 205 -2.46 4.83 9.39
C SER A 205 -3.01 3.49 9.87
N THR A 206 -2.85 3.22 11.16
CA THR A 206 -3.37 1.99 11.77
C THR A 206 -4.65 2.34 12.53
N ARG A 207 -4.86 3.63 12.72
CA ARG A 207 -6.01 4.18 13.41
C ARG A 207 -7.36 3.61 13.00
N PRO A 208 -7.81 3.91 11.79
CA PRO A 208 -9.13 3.40 11.36
C PRO A 208 -9.35 1.89 11.54
N LEU A 209 -8.31 1.08 11.28
CA LEU A 209 -8.38 -0.36 11.49
C LEU A 209 -8.58 -0.72 12.94
N LEU A 210 -7.88 -0.02 13.83
CA LEU A 210 -8.02 -0.21 15.27
C LEU A 210 -9.37 0.23 15.85
N ASP A 211 -9.95 1.27 15.27
CA ASP A 211 -11.31 1.68 15.62
C ASP A 211 -12.32 0.63 15.15
N PHE A 212 -12.12 0.14 13.93
CA PHE A 212 -12.87 -0.95 13.32
C PHE A 212 -12.82 -2.20 14.19
N ARG A 213 -11.63 -2.51 14.71
CA ARG A 213 -11.40 -3.66 15.59
C ARG A 213 -12.15 -3.56 16.91
N ARG A 214 -12.22 -2.35 17.48
CA ARG A 214 -12.99 -2.11 18.70
C ARG A 214 -14.47 -2.40 18.48
N LYS A 215 -15.00 -1.99 17.33
CA LYS A 215 -16.39 -2.30 16.97
C LYS A 215 -16.65 -3.79 16.72
N VAL A 216 -15.68 -4.47 16.12
CA VAL A 216 -15.75 -5.92 15.89
C VAL A 216 -15.83 -6.68 17.22
N ASN A 217 -14.99 -6.27 18.17
CA ASN A 217 -14.83 -6.98 19.45
C ASN A 217 -15.93 -6.70 20.48
N LYS A 218 -16.67 -5.61 20.29
CA LYS A 218 -17.78 -5.22 21.16
CA LYS A 218 -17.77 -5.30 21.19
C LYS A 218 -19.08 -5.89 20.68
N CYS A 219 -19.06 -6.36 19.44
CA CYS A 219 -20.18 -7.10 18.85
C CYS A 219 -20.45 -8.43 19.56
N TYR A 220 -21.72 -8.82 19.61
CA TYR A 220 -22.08 -10.13 20.12
C TYR A 220 -21.48 -11.26 19.28
N ARG A 221 -20.67 -12.10 19.93
CA ARG A 221 -19.78 -13.03 19.23
C ARG A 221 -20.35 -14.45 19.22
N GLY A 222 -21.38 -14.69 20.01
CA GLY A 222 -21.98 -16.03 20.09
C GLY A 222 -21.47 -16.76 21.31
N ARG A 223 -21.97 -17.96 21.52
CA ARG A 223 -21.59 -18.78 22.66
C ARG A 223 -20.36 -19.63 22.31
N SER A 224 -19.18 -19.07 22.56
CA SER A 224 -17.89 -19.70 22.23
C SER A 224 -17.69 -19.96 20.74
N CYS A 225 -18.11 -19.00 19.91
CA CYS A 225 -18.12 -19.17 18.46
C CYS A 225 -16.97 -18.43 17.79
N PRO A 226 -16.47 -18.95 16.66
CA PRO A 226 -15.39 -18.24 15.94
C PRO A 226 -15.89 -16.98 15.27
N ILE A 227 -15.04 -15.97 15.20
CA ILE A 227 -15.17 -14.91 14.21
C ILE A 227 -14.63 -15.43 12.88
N ILE A 228 -15.39 -15.25 11.81
CA ILE A 228 -14.89 -15.51 10.48
C ILE A 228 -14.16 -14.30 9.90
N VAL A 229 -12.88 -14.48 9.53
CA VAL A 229 -12.07 -13.40 8.95
C VAL A 229 -11.69 -13.77 7.52
N HIS A 230 -11.99 -12.89 6.58
CA HIS A 230 -11.56 -13.14 5.21
C HIS A 230 -11.08 -11.91 4.51
N CYS A 231 -10.24 -12.13 3.50
CA CYS A 231 -9.93 -11.09 2.53
C CYS A 231 -10.09 -11.64 1.12
N SER A 232 -9.00 -11.73 0.38
CA SER A 232 -9.02 -12.36 -0.94
C SER A 232 -8.47 -13.79 -0.89
N ASP A 233 -7.18 -13.91 -0.56
CA ASP A 233 -6.53 -15.21 -0.40
C ASP A 233 -6.69 -15.85 0.99
N GLY A 234 -7.29 -15.11 1.91
CA GLY A 234 -7.38 -15.51 3.32
C GLY A 234 -6.03 -15.72 4.01
N ALA A 235 -5.03 -14.95 3.58
CA ALA A 235 -3.67 -15.10 4.10
C ALA A 235 -2.98 -13.76 4.41
N GLY A 236 -3.06 -12.82 3.48
CA GLY A 236 -2.29 -11.58 3.59
C GLY A 236 -2.84 -10.60 4.62
N ARG A 237 -3.94 -9.96 4.25
CA ARG A 237 -4.65 -9.08 5.15
C ARG A 237 -5.32 -9.86 6.30
N THR A 238 -5.92 -11.01 5.98
CA THR A 238 -6.51 -11.91 7.00
C THR A 238 -5.55 -12.24 8.12
N GLY A 239 -4.34 -12.67 7.75
CA GLY A 239 -3.30 -12.99 8.72
C GLY A 239 -2.85 -11.79 9.54
N THR A 240 -2.73 -10.63 8.89
CA THR A 240 -2.25 -9.41 9.55
C THR A 240 -3.24 -8.93 10.61
N TYR A 241 -4.53 -8.90 10.24
CA TYR A 241 -5.62 -8.70 11.21
C TYR A 241 -5.61 -9.68 12.40
N ILE A 242 -5.48 -10.98 12.12
CA ILE A 242 -5.53 -11.99 13.18
C ILE A 242 -4.31 -11.88 14.09
N LEU A 243 -3.13 -11.62 13.50
CA LEU A 243 -1.93 -11.29 14.28
C LEU A 243 -2.10 -10.10 15.24
N ILE A 244 -2.57 -8.96 14.74
CA ILE A 244 -2.82 -7.78 15.60
C ILE A 244 -3.80 -8.09 16.76
N ASP A 245 -4.94 -8.70 16.42
CA ASP A 245 -5.95 -9.08 17.40
C ASP A 245 -5.42 -10.07 18.44
N MET A 246 -4.72 -11.10 17.97
CA MET A 246 -4.14 -12.10 18.87
C MET A 246 -3.14 -11.51 19.87
N VAL A 247 -2.22 -10.68 19.39
CA VAL A 247 -1.22 -10.04 20.25
C VAL A 247 -1.89 -9.14 21.28
N LEU A 248 -2.80 -8.29 20.82
CA LEU A 248 -3.52 -7.38 21.71
C LEU A 248 -4.40 -8.10 22.75
N ASN A 249 -5.12 -9.14 22.32
CA ASN A 249 -5.96 -9.94 23.26
C ASN A 249 -5.15 -10.66 24.34
N ARG A 250 -4.00 -11.20 23.96
CA ARG A 250 -3.06 -11.81 24.90
C ARG A 250 -2.51 -10.83 25.93
N MET A 251 -2.10 -9.64 25.47
CA MET A 251 -1.70 -8.55 26.34
C MET A 251 -2.76 -8.18 27.37
N ALA A 252 -4.02 -8.08 26.91
CA ALA A 252 -5.14 -7.69 27.77
C ALA A 252 -5.40 -8.70 28.91
N LYS A 253 -5.20 -9.97 28.63
CA LYS A 253 -5.27 -11.03 29.64
C LYS A 253 -4.00 -11.13 30.49
N GLY A 254 -3.01 -10.31 30.18
CA GLY A 254 -1.75 -10.32 30.90
C GLY A 254 -0.93 -11.56 30.63
N VAL A 255 -1.10 -12.14 29.44
CA VAL A 255 -0.24 -13.22 28.96
C VAL A 255 1.21 -12.75 28.77
N LYS A 256 2.10 -13.65 29.21
CA LYS A 256 3.54 -13.51 29.26
C LYS A 256 4.28 -13.75 27.97
N GLU A 257 3.60 -14.28 26.97
CA GLU A 257 4.21 -14.49 25.69
C GLU A 257 4.00 -13.22 24.90
N ILE A 258 4.94 -12.29 24.97
CA ILE A 258 4.84 -11.04 24.24
C ILE A 258 5.94 -11.01 23.20
N ASP A 259 5.71 -11.66 22.07
CA ASP A 259 6.68 -11.74 21.02
C ASP A 259 5.87 -11.90 19.75
N ILE A 260 5.82 -10.86 18.95
CA ILE A 260 5.06 -10.87 17.72
C ILE A 260 5.46 -11.87 16.64
N ALA A 261 6.75 -12.07 16.45
CA ALA A 261 7.25 -13.01 15.45
C ALA A 261 6.91 -14.46 15.82
N ALA A 262 7.05 -14.78 17.11
CA ALA A 262 6.68 -16.11 17.65
C ALA A 262 5.19 -16.33 17.61
N THR A 263 4.42 -15.27 17.83
CA THR A 263 2.98 -15.33 17.68
C THR A 263 2.56 -15.63 16.23
N LEU A 264 3.23 -14.97 15.27
CA LEU A 264 3.03 -15.26 13.85
C LEU A 264 3.37 -16.72 13.54
N GLU A 265 4.43 -17.25 14.15
CA GLU A 265 4.79 -18.67 14.02
C GLU A 265 3.67 -19.60 14.47
N HIS A 266 2.99 -19.22 15.54
CA HIS A 266 1.87 -19.98 16.09
C HIS A 266 0.65 -19.95 15.16
N VAL A 267 0.53 -18.88 14.39
CA VAL A 267 -0.58 -18.70 13.46
C VAL A 267 -0.30 -19.51 12.18
N ARG A 268 0.97 -19.55 11.78
CA ARG A 268 1.43 -20.28 10.61
C ARG A 268 1.51 -21.79 10.83
N ASP A 269 1.52 -22.23 12.09
CA ASP A 269 1.36 -23.64 12.47
C ASP A 269 -0.04 -24.14 12.13
N GLN A 270 -0.96 -23.21 11.86
CA GLN A 270 -2.39 -23.51 11.71
C GLN A 270 -2.97 -23.19 10.32
N ARG A 271 -2.40 -22.18 9.67
CA ARG A 271 -2.69 -21.89 8.26
C ARG A 271 -1.44 -21.27 7.62
N PRO A 272 -1.00 -21.84 6.48
CA PRO A 272 0.29 -21.45 5.92
C PRO A 272 0.29 -20.07 5.26
N GLY A 273 1.39 -19.34 5.43
CA GLY A 273 1.66 -18.16 4.60
C GLY A 273 0.98 -16.89 5.05
N LEU A 274 0.41 -16.91 6.25
CA LEU A 274 -0.29 -15.75 6.79
C LEU A 274 0.67 -14.63 7.16
N VAL A 275 0.24 -13.40 6.88
CA VAL A 275 1.12 -12.24 6.73
C VAL A 275 2.08 -12.42 5.55
N ARG A 276 1.70 -11.86 4.43
CA ARG A 276 2.44 -12.02 3.19
C ARG A 276 3.66 -11.17 2.93
N SER A 277 3.69 -9.99 3.51
CA SER A 277 4.80 -9.08 3.29
C SER A 277 5.39 -8.54 4.59
N LYS A 278 6.65 -8.13 4.51
CA LYS A 278 7.38 -7.42 5.57
C LYS A 278 6.71 -6.12 5.98
N ASP A 279 6.08 -5.44 5.02
CA ASP A 279 5.26 -4.27 5.30
C ASP A 279 4.09 -4.61 6.21
N GLN A 280 3.42 -5.73 5.94
CA GLN A 280 2.28 -6.16 6.75
C GLN A 280 2.71 -6.58 8.15
N PHE A 281 3.85 -7.26 8.23
CA PHE A 281 4.49 -7.54 9.52
C PHE A 281 4.76 -6.29 10.36
N GLU A 282 5.32 -5.26 9.72
CA GLU A 282 5.72 -4.04 10.41
C GLU A 282 4.50 -3.17 10.77
N PHE A 283 3.51 -3.17 9.88
CA PHE A 283 2.18 -2.60 10.15
C PHE A 283 1.50 -3.22 11.39
N ALA A 284 1.56 -4.54 11.50
CA ALA A 284 0.97 -5.25 12.62
C ALA A 284 1.56 -4.77 13.94
N LEU A 285 2.89 -4.69 13.99
CA LEU A 285 3.57 -4.21 15.17
C LEU A 285 3.28 -2.73 15.48
N THR A 286 3.18 -1.91 14.44
CA THR A 286 2.77 -0.51 14.58
C THR A 286 1.35 -0.38 15.13
N ALA A 287 0.44 -1.20 14.64
CA ALA A 287 -0.94 -1.21 15.11
C ALA A 287 -1.06 -1.65 16.56
N VAL A 288 -0.33 -2.70 16.93
CA VAL A 288 -0.29 -3.15 18.31
C VAL A 288 0.21 -2.05 19.26
N ALA A 289 1.27 -1.35 18.85
CA ALA A 289 1.87 -0.27 19.64
C ALA A 289 1.01 1.00 19.70
N GLU A 290 0.26 1.27 18.63
CA GLU A 290 -0.64 2.42 18.59
C GLU A 290 -1.83 2.20 19.53
N GLU A 291 -2.34 0.97 19.54
CA GLU A 291 -3.42 0.63 20.47
C GLU A 291 -3.04 0.70 21.94
N VAL A 292 -1.88 0.15 22.29
CA VAL A 292 -1.33 0.27 23.65
C VAL A 292 -1.15 1.74 24.05
N ASN A 293 -0.49 2.51 23.20
CA ASN A 293 -0.43 3.96 23.34
C ASN A 293 -1.78 4.60 23.61
N ALA A 294 -2.77 4.23 22.80
CA ALA A 294 -4.10 4.85 22.84
C ALA A 294 -4.75 4.61 24.19
N ILE A 295 -4.59 3.38 24.69
CA ILE A 295 -5.17 2.91 25.96
C ILE A 295 -4.62 3.70 27.13
N LEU A 296 -3.30 3.89 27.11
CA LEU A 296 -2.60 4.68 28.13
C LEU A 296 -2.94 6.18 28.13
N LYS A 297 -3.06 6.77 26.94
CA LYS A 297 -3.43 8.19 26.83
C LYS A 297 -4.86 8.46 27.32
N ALA A 298 -5.67 7.40 27.33
CA ALA A 298 -7.01 7.46 27.89
C ALA A 298 -7.02 7.18 29.39
N LEU A 299 -5.86 6.86 29.95
CA LEU A 299 -5.72 6.69 31.39
C LEU A 299 -4.80 7.76 31.98
N MET B 9 14.96 28.70 9.39
CA MET B 9 13.98 28.33 10.47
C MET B 9 14.68 27.71 11.67
N ASP B 10 14.30 28.14 12.87
CA ASP B 10 15.01 27.78 14.10
C ASP B 10 14.27 26.72 14.91
N ILE B 11 14.86 26.31 16.03
CA ILE B 11 14.54 25.03 16.66
C ILE B 11 13.23 25.02 17.46
N SER B 12 12.76 26.19 17.85
CA SER B 12 11.53 26.31 18.63
C SER B 12 10.33 26.57 17.74
N THR B 13 10.58 27.18 16.59
CA THR B 13 9.56 27.40 15.59
C THR B 13 9.26 26.01 15.04
N GLY B 14 10.30 25.19 14.97
CA GLY B 14 10.18 23.82 14.49
C GLY B 14 9.49 22.88 15.44
N HIS B 15 9.47 23.20 16.73
CA HIS B 15 8.81 22.34 17.70
C HIS B 15 7.30 22.51 17.62
N MET B 16 6.84 23.75 17.46
CA MET B 16 5.40 23.95 17.35
CA MET B 16 5.40 24.07 17.31
C MET B 16 4.79 23.61 15.98
N ILE B 17 5.60 23.63 14.93
CA ILE B 17 5.17 23.14 13.61
C ILE B 17 4.97 21.62 13.64
N LEU B 18 5.92 20.90 14.25
CA LEU B 18 5.76 19.48 14.50
C LEU B 18 4.49 19.16 15.31
N ALA B 19 4.23 19.96 16.35
CA ALA B 19 3.05 19.81 17.19
C ALA B 19 1.75 19.95 16.39
N TYR B 20 1.74 20.95 15.49
CA TYR B 20 0.66 21.18 14.55
C TYR B 20 0.40 19.97 13.63
N MET B 21 1.48 19.39 13.11
CA MET B 21 1.34 18.35 12.12
CA MET B 21 1.39 18.34 12.11
C MET B 21 0.91 17.03 12.73
N GLU B 22 1.30 16.81 13.98
CA GLU B 22 0.92 15.61 14.72
C GLU B 22 -0.55 15.65 15.11
N ASP B 23 -1.03 16.84 15.48
CA ASP B 23 -2.47 17.10 15.62
C ASP B 23 -3.23 16.86 14.32
N HIS B 24 -2.70 17.37 13.21
CA HIS B 24 -3.26 17.15 11.88
C HIS B 24 -3.40 15.67 11.54
N LEU B 25 -2.33 14.91 11.74
CA LEU B 25 -2.32 13.46 11.54
C LEU B 25 -3.34 12.67 12.38
N ARG B 26 -3.61 13.12 13.58
CA ARG B 26 -4.57 12.43 14.43
C ARG B 26 -6.00 12.83 14.13
N ASN B 27 -6.16 13.86 13.32
CA ASN B 27 -7.47 14.46 13.02
C ASN B 27 -8.07 13.91 11.72
N ARG B 28 -8.84 12.84 11.86
CA ARG B 28 -9.29 12.06 10.74
C ARG B 28 -10.46 12.68 9.98
N ASP B 29 -11.24 13.50 10.69
CA ASP B 29 -12.31 14.28 10.06
C ASP B 29 -11.71 15.33 9.14
N ARG B 30 -10.62 15.95 9.56
CA ARG B 30 -9.88 16.88 8.69
C ARG B 30 -9.23 16.20 7.48
N LEU B 31 -8.53 15.10 7.72
CA LEU B 31 -7.94 14.29 6.64
C LEU B 31 -8.97 13.92 5.57
N ALA B 32 -10.10 13.35 5.99
CA ALA B 32 -11.17 12.93 5.08
C ALA B 32 -11.75 14.08 4.27
N LYS B 33 -11.94 15.22 4.94
CA LYS B 33 -12.50 16.40 4.30
C LYS B 33 -11.56 17.07 3.31
N GLU B 34 -10.28 17.14 3.67
CA GLU B 34 -9.22 17.61 2.77
C GLU B 34 -9.11 16.75 1.53
N TRP B 35 -9.21 15.43 1.70
CA TRP B 35 -9.06 14.52 0.57
C TRP B 35 -10.27 14.57 -0.35
N GLN B 36 -11.45 14.73 0.25
CA GLN B 36 -12.68 14.91 -0.50
C GLN B 36 -12.63 16.16 -1.38
N ALA B 37 -12.18 17.28 -0.80
CA ALA B 37 -12.00 18.53 -1.55
C ALA B 37 -10.91 18.44 -2.63
N LEU B 38 -9.87 17.66 -2.38
CA LEU B 38 -8.78 17.46 -3.35
C LEU B 38 -9.21 16.59 -4.54
N CYS B 39 -10.04 15.59 -4.25
CA CYS B 39 -10.69 14.78 -5.28
C CYS B 39 -11.55 15.57 -6.27
N ALA B 40 -12.08 16.70 -5.83
CA ALA B 40 -12.91 17.56 -6.66
C ALA B 40 -12.12 18.75 -7.22
N TYR B 41 -10.85 18.85 -6.84
CA TYR B 41 -9.99 19.94 -7.32
C TYR B 41 -9.76 19.84 -8.82
N GLN B 42 -9.90 20.96 -9.51
CA GLN B 42 -9.66 21.03 -10.95
C GLN B 42 -8.87 22.28 -11.29
N ALA B 43 -7.72 22.10 -11.92
CA ALA B 43 -6.84 23.19 -12.30
C ALA B 43 -7.48 24.05 -13.39
N GLU B 44 -7.05 25.30 -13.50
CA GLU B 44 -7.39 26.16 -14.63
C GLU B 44 -6.13 26.79 -15.23
N PRO B 45 -5.79 26.43 -16.49
CA PRO B 45 -6.50 25.45 -17.30
C PRO B 45 -6.10 24.00 -17.00
N ASN B 46 -6.68 23.07 -17.74
CA ASN B 46 -6.58 21.64 -17.43
C ASN B 46 -6.62 20.77 -18.69
N THR B 47 -6.47 21.39 -19.85
CA THR B 47 -6.52 20.70 -21.14
C THR B 47 -5.25 19.88 -21.43
N CYS B 48 -5.44 18.68 -21.95
CA CYS B 48 -4.35 17.74 -22.23
C CYS B 48 -4.43 17.25 -23.67
N ALA B 49 -4.78 18.18 -24.56
CA ALA B 49 -5.19 17.84 -25.92
C ALA B 49 -4.05 17.29 -26.77
N THR B 50 -2.86 17.86 -26.60
CA THR B 50 -1.67 17.42 -27.33
C THR B 50 -1.27 15.99 -26.96
N ALA B 51 -1.27 15.70 -25.66
CA ALA B 51 -1.04 14.35 -25.13
C ALA B 51 -2.07 13.33 -25.61
N GLN B 52 -3.30 13.79 -25.84
CA GLN B 52 -4.41 12.90 -26.23
C GLN B 52 -4.54 12.70 -27.74
N GLY B 53 -3.70 13.41 -28.51
CA GLY B 53 -3.74 13.34 -29.97
C GLY B 53 -3.28 11.98 -30.47
N GLU B 54 -3.68 11.68 -31.70
CA GLU B 54 -3.57 10.33 -32.29
C GLU B 54 -2.14 9.81 -32.39
N GLY B 55 -1.19 10.70 -32.65
CA GLY B 55 0.22 10.33 -32.76
C GLY B 55 0.86 9.94 -31.43
N ASN B 56 0.32 10.44 -30.33
CA ASN B 56 0.98 10.35 -29.03
C ASN B 56 0.43 9.27 -28.10
N ILE B 57 -0.66 8.60 -28.48
CA ILE B 57 -1.33 7.65 -27.57
C ILE B 57 -0.45 6.44 -27.24
N LYS B 58 0.40 6.07 -28.20
CA LYS B 58 1.36 4.99 -28.06
CA LYS B 58 1.36 4.98 -28.04
C LYS B 58 2.51 5.35 -27.10
N LYS B 59 2.61 6.65 -26.81
CA LYS B 59 3.74 7.20 -26.04
C LYS B 59 3.37 7.47 -24.59
N ASN B 60 2.11 7.23 -24.24
CA ASN B 60 1.65 7.31 -22.86
C ASN B 60 1.52 5.93 -22.24
N ARG B 61 1.90 5.80 -20.96
CA ARG B 61 1.79 4.53 -20.25
C ARG B 61 0.34 4.31 -19.79
N HIS B 62 -0.27 5.38 -19.29
CA HIS B 62 -1.60 5.35 -18.68
C HIS B 62 -2.36 6.56 -19.24
N PRO B 63 -3.52 6.31 -19.91
CA PRO B 63 -4.31 7.37 -20.55
C PRO B 63 -4.80 8.50 -19.63
N ASP B 64 -4.85 8.24 -18.32
CA ASP B 64 -5.42 9.18 -17.38
C ASP B 64 -4.37 10.11 -16.77
N PHE B 65 -3.10 9.80 -17.03
CA PHE B 65 -2.01 10.58 -16.44
C PHE B 65 -1.07 11.17 -17.47
N LEU B 66 -1.35 12.42 -17.82
CA LEU B 66 -0.79 13.07 -19.00
C LEU B 66 -0.26 14.42 -18.57
N PRO B 67 0.61 15.04 -19.40
CA PRO B 67 0.88 16.45 -19.15
C PRO B 67 -0.23 17.37 -19.67
N TYR B 68 -0.51 18.45 -18.93
CA TYR B 68 -1.23 19.62 -19.46
C TYR B 68 -0.51 20.19 -20.68
N ASP B 69 -1.27 20.74 -21.62
CA ASP B 69 -0.71 21.54 -22.71
C ASP B 69 0.14 22.71 -22.24
N HIS B 70 -0.28 23.35 -21.14
CA HIS B 70 0.41 24.55 -20.64
C HIS B 70 1.64 24.23 -19.78
N ALA B 71 1.85 22.94 -19.51
CA ALA B 71 3.02 22.50 -18.73
C ALA B 71 3.52 21.12 -19.18
N ARG B 72 4.20 21.10 -20.33
CA ARG B 72 4.78 19.85 -20.83
C ARG B 72 6.18 20.10 -21.36
N ILE B 73 7.06 19.13 -21.11
CA ILE B 73 8.38 19.13 -21.72
C ILE B 73 8.26 18.91 -23.22
N LYS B 74 8.92 19.78 -23.99
CA LYS B 74 8.98 19.64 -25.45
C LYS B 74 10.40 19.29 -25.89
N LEU B 75 10.54 18.14 -26.55
CA LEU B 75 11.83 17.73 -27.13
C LEU B 75 12.14 18.55 -28.39
N LYS B 76 13.43 18.79 -28.68
CA LYS B 76 13.81 19.49 -29.90
C LYS B 76 13.47 18.61 -31.09
N VAL B 77 12.57 19.10 -31.94
CA VAL B 77 12.04 18.36 -33.08
C VAL B 77 13.14 17.84 -34.02
N GLU B 78 14.16 18.67 -34.26
CA GLU B 78 15.29 18.34 -35.13
C GLU B 78 16.11 17.15 -34.62
N SER B 79 16.25 17.04 -33.30
CA SER B 79 17.07 16.01 -32.70
C SER B 79 16.28 14.72 -32.41
N SER B 80 14.99 14.76 -32.70
CA SER B 80 14.08 13.67 -32.33
C SER B 80 14.03 12.63 -33.44
N PRO B 81 14.18 11.34 -33.08
CA PRO B 81 14.19 10.24 -34.07
C PRO B 81 12.90 10.22 -34.90
N SER B 82 11.78 10.48 -34.25
CA SER B 82 10.47 10.53 -34.91
C SER B 82 10.03 11.94 -35.33
N ARG B 83 10.88 12.94 -35.14
CA ARG B 83 10.57 14.34 -35.52
C ARG B 83 9.35 14.89 -34.77
N SER B 84 9.23 14.51 -33.51
CA SER B 84 8.11 14.92 -32.68
C SER B 84 8.64 15.61 -31.44
N ASP B 85 7.81 16.41 -30.79
CA ASP B 85 8.22 17.11 -29.58
C ASP B 85 7.76 16.43 -28.30
N TYR B 86 7.00 15.35 -28.43
CA TYR B 86 6.20 14.86 -27.33
C TYR B 86 6.91 13.86 -26.43
N ILE B 87 6.92 14.15 -25.14
CA ILE B 87 7.14 13.17 -24.09
C ILE B 87 6.08 13.36 -23.01
N ASN B 88 5.69 12.28 -22.34
CA ASN B 88 4.84 12.40 -21.15
C ASN B 88 5.64 12.88 -19.95
N ALA B 89 5.82 14.20 -19.86
CA ALA B 89 6.65 14.81 -18.84
C ALA B 89 6.24 16.24 -18.58
N SER B 90 6.34 16.65 -17.32
CA SER B 90 5.86 17.95 -16.88
C SER B 90 6.90 18.66 -16.03
N PRO B 91 7.21 19.92 -16.37
CA PRO B 91 8.01 20.71 -15.44
C PRO B 91 7.20 21.05 -14.19
N ILE B 92 7.82 20.89 -13.03
CA ILE B 92 7.18 21.33 -11.79
C ILE B 92 8.06 22.41 -11.13
N ILE B 93 7.52 23.62 -11.03
CA ILE B 93 8.27 24.71 -10.40
C ILE B 93 7.87 24.89 -8.92
N GLU B 94 8.84 25.22 -8.08
CA GLU B 94 8.58 25.54 -6.67
CA GLU B 94 8.57 25.55 -6.68
C GLU B 94 8.28 27.04 -6.53
N HIS B 95 9.28 27.81 -6.11
CA HIS B 95 9.12 29.25 -5.97
C HIS B 95 9.26 29.94 -7.32
N ASP B 96 10.33 29.61 -8.03
CA ASP B 96 10.77 30.37 -9.19
C ASP B 96 10.22 29.78 -10.49
N PRO B 97 9.37 30.55 -11.22
CA PRO B 97 8.77 30.10 -12.48
C PRO B 97 9.77 29.92 -13.63
N ARG B 98 10.94 30.54 -13.49
CA ARG B 98 11.95 30.61 -14.55
C ARG B 98 12.64 29.26 -14.79
N MET B 99 12.81 28.48 -13.73
CA MET B 99 13.48 27.20 -13.82
C MET B 99 12.89 26.15 -12.89
N PRO B 100 12.39 25.05 -13.48
CA PRO B 100 11.78 23.98 -12.71
C PRO B 100 12.77 23.23 -11.81
N ALA B 101 12.26 22.82 -10.66
CA ALA B 101 13.03 22.08 -9.70
C ALA B 101 12.96 20.62 -10.11
N TYR B 102 11.88 20.25 -10.77
CA TYR B 102 11.69 18.88 -11.21
C TYR B 102 11.01 18.67 -12.54
N ILE B 103 11.30 17.51 -13.10
CA ILE B 103 10.50 16.95 -14.18
C ILE B 103 9.80 15.69 -13.68
N ALA B 104 8.47 15.75 -13.58
CA ALA B 104 7.66 14.59 -13.25
C ALA B 104 7.27 13.88 -14.54
N THR B 105 7.59 12.60 -14.62
CA THR B 105 7.42 11.86 -15.87
C THR B 105 7.02 10.41 -15.60
N GLN B 106 6.38 9.77 -16.58
CA GLN B 106 6.06 8.34 -16.48
C GLN B 106 7.35 7.53 -16.50
N GLY B 107 7.26 6.26 -16.09
CA GLY B 107 8.32 5.30 -16.40
C GLY B 107 8.39 4.99 -17.88
N PRO B 108 9.57 5.14 -18.49
CA PRO B 108 9.71 5.01 -19.96
C PRO B 108 9.16 3.68 -20.48
N LEU B 109 8.48 3.74 -21.61
CA LEU B 109 8.15 2.54 -22.37
C LEU B 109 9.34 2.19 -23.25
N SER B 110 9.38 0.95 -23.72
CA SER B 110 10.34 0.52 -24.75
C SER B 110 10.42 1.48 -25.95
N HIS B 111 9.26 1.94 -26.40
CA HIS B 111 9.09 2.90 -27.51
CA HIS B 111 9.21 2.87 -27.53
C HIS B 111 9.67 4.29 -27.20
N THR B 112 9.71 4.64 -25.92
CA THR B 112 10.06 6.01 -25.51
C THR B 112 11.36 6.13 -24.73
N ILE B 113 12.16 5.06 -24.71
CA ILE B 113 13.47 5.10 -24.04
C ILE B 113 14.43 6.15 -24.63
N ALA B 114 14.47 6.26 -25.97
CA ALA B 114 15.26 7.29 -26.65
C ALA B 114 14.75 8.72 -26.40
N ASP B 115 13.43 8.89 -26.36
CA ASP B 115 12.81 10.16 -25.95
C ASP B 115 13.21 10.62 -24.55
N PHE B 116 13.19 9.67 -23.61
CA PHE B 116 13.56 9.93 -22.23
C PHE B 116 15.00 10.45 -22.14
N TRP B 117 15.92 9.80 -22.84
CA TRP B 117 17.32 10.21 -22.83
C TRP B 117 17.59 11.53 -23.54
N GLN B 118 16.80 11.82 -24.57
CA GLN B 118 16.79 13.15 -25.20
C GLN B 118 16.35 14.25 -24.22
N MET B 119 15.35 13.94 -23.40
CA MET B 119 14.91 14.85 -22.35
C MET B 119 16.00 15.06 -21.31
N VAL B 120 16.59 13.96 -20.86
CA VAL B 120 17.69 14.03 -19.91
C VAL B 120 18.76 14.97 -20.46
N TRP B 121 19.16 14.73 -21.71
CA TRP B 121 20.20 15.53 -22.37
C TRP B 121 19.86 17.02 -22.46
N GLU B 122 18.68 17.32 -23.00
CA GLU B 122 18.28 18.69 -23.32
C GLU B 122 17.94 19.53 -22.08
N SER B 123 17.55 18.87 -20.99
CA SER B 123 17.23 19.54 -19.74
C SER B 123 18.46 19.89 -18.90
N GLY B 124 19.58 19.21 -19.16
CA GLY B 124 20.79 19.40 -18.35
C GLY B 124 20.79 18.54 -17.09
N CYS B 125 19.82 17.63 -16.99
CA CYS B 125 19.63 16.78 -15.82
C CYS B 125 20.84 15.91 -15.48
N THR B 126 21.25 15.96 -14.21
CA THR B 126 22.29 15.07 -13.68
C THR B 126 21.77 14.12 -12.59
N VAL B 127 20.50 14.25 -12.21
CA VAL B 127 19.91 13.41 -11.15
C VAL B 127 18.58 12.81 -11.58
N ILE B 128 18.49 11.48 -11.57
CA ILE B 128 17.21 10.80 -11.76
C ILE B 128 16.75 10.12 -10.47
N VAL B 129 15.48 10.28 -10.13
CA VAL B 129 14.84 9.53 -9.04
C VAL B 129 13.82 8.52 -9.58
N MET B 130 14.14 7.24 -9.43
CA MET B 130 13.24 6.16 -9.83
C MET B 130 12.57 5.56 -8.60
N LEU B 131 11.24 5.53 -8.60
CA LEU B 131 10.49 5.19 -7.40
C LEU B 131 9.73 3.86 -7.47
N THR B 132 9.97 3.12 -8.54
CA THR B 132 9.31 1.84 -8.75
C THR B 132 10.35 0.74 -9.04
N PRO B 133 10.06 -0.52 -8.65
CA PRO B 133 10.76 -1.61 -9.33
C PRO B 133 10.26 -1.78 -10.78
N LEU B 134 11.00 -2.49 -11.61
CA LEU B 134 10.60 -2.73 -12.99
C LEU B 134 9.31 -3.55 -13.10
N VAL B 135 9.17 -4.54 -12.20
CA VAL B 135 7.99 -5.41 -12.14
C VAL B 135 7.48 -5.47 -10.70
N GLU B 136 6.17 -5.36 -10.52
CA GLU B 136 5.51 -5.50 -9.22
C GLU B 136 4.43 -6.57 -9.25
N ASP B 137 4.52 -7.52 -8.32
CA ASP B 137 4.02 -8.88 -8.52
C ASP B 137 4.25 -9.35 -9.94
N GLY B 138 3.25 -9.39 -10.79
CA GLY B 138 3.51 -9.82 -12.17
C GLY B 138 3.36 -8.68 -13.15
N VAL B 139 3.22 -7.47 -12.61
CA VAL B 139 2.87 -6.32 -13.44
C VAL B 139 4.09 -5.44 -13.69
N LYS B 140 4.41 -5.27 -14.97
CA LYS B 140 5.49 -4.39 -15.42
C LYS B 140 5.16 -2.92 -15.17
N GLN B 141 6.07 -2.25 -14.47
CA GLN B 141 5.86 -0.88 -14.02
C GLN B 141 6.60 0.11 -14.90
N CYS B 142 7.70 -0.34 -15.49
CA CYS B 142 8.67 0.50 -16.16
C CYS B 142 9.50 -0.41 -17.06
N ASP B 143 9.96 0.11 -18.20
CA ASP B 143 10.94 -0.63 -19.02
C ASP B 143 12.33 -0.15 -18.69
N ARG B 144 13.30 -1.07 -18.72
CA ARG B 144 14.66 -0.77 -18.32
C ARG B 144 15.35 0.12 -19.34
N TYR B 145 15.82 1.28 -18.89
CA TYR B 145 16.29 2.34 -19.80
C TYR B 145 17.79 2.62 -19.62
N TRP B 146 18.46 1.73 -18.90
CA TRP B 146 19.87 1.87 -18.54
C TRP B 146 20.51 0.48 -18.67
N PRO B 147 21.83 0.43 -18.99
CA PRO B 147 22.58 -0.82 -19.08
C PRO B 147 22.75 -1.52 -17.73
N ASP B 148 22.62 -2.85 -17.77
CA ASP B 148 22.79 -3.75 -16.62
C ASP B 148 24.26 -3.73 -16.21
N GLU B 149 25.12 -3.79 -17.22
CA GLU B 149 26.56 -3.64 -17.06
C GLU B 149 27.14 -3.08 -18.36
N GLY B 150 28.25 -2.36 -18.24
CA GLY B 150 28.88 -1.72 -19.39
C GLY B 150 28.03 -0.60 -19.95
N ALA B 151 27.71 -0.68 -21.24
CA ALA B 151 27.26 0.47 -22.00
C ALA B 151 26.08 0.09 -22.92
N SER B 152 25.20 1.05 -23.17
CA SER B 152 24.09 0.89 -24.10
C SER B 152 23.91 2.19 -24.87
N LEU B 153 23.45 2.08 -26.12
CA LEU B 153 23.25 3.25 -26.96
C LEU B 153 21.79 3.46 -27.30
N TYR B 154 21.30 4.64 -26.94
CA TYR B 154 19.91 5.00 -27.16
C TYR B 154 19.86 6.22 -28.04
N HIS B 155 19.52 6.02 -29.32
CA HIS B 155 19.74 7.02 -30.35
C HIS B 155 21.20 7.47 -30.34
N VAL B 156 21.49 8.72 -29.99
CA VAL B 156 22.88 9.19 -29.97
C VAL B 156 23.46 9.28 -28.55
N TYR B 157 22.70 8.80 -27.57
CA TYR B 157 23.07 8.86 -26.16
C TYR B 157 23.65 7.52 -25.71
N GLU B 158 24.97 7.49 -25.59
CA GLU B 158 25.68 6.37 -25.00
C GLU B 158 25.70 6.47 -23.48
N VAL B 159 25.18 5.43 -22.83
CA VAL B 159 25.02 5.42 -21.39
C VAL B 159 25.92 4.32 -20.83
N ASN B 160 26.90 4.71 -20.03
CA ASN B 160 27.84 3.76 -19.42
C ASN B 160 27.58 3.60 -17.92
N LEU B 161 27.39 2.36 -17.46
CA LEU B 161 27.30 2.09 -16.03
C LEU B 161 28.67 2.07 -15.38
N VAL B 162 28.93 3.06 -14.54
CA VAL B 162 30.23 3.25 -13.95
C VAL B 162 30.28 2.63 -12.54
N SER B 163 29.20 2.84 -11.77
CA SER B 163 29.17 2.44 -10.37
C SER B 163 27.74 2.02 -9.97
N GLU B 164 27.64 0.94 -9.19
CA GLU B 164 26.38 0.58 -8.55
C GLU B 164 26.64 0.34 -7.07
N HIS B 165 25.96 1.12 -6.23
CA HIS B 165 26.06 0.98 -4.78
C HIS B 165 24.72 0.61 -4.14
N ILE B 166 24.55 -0.66 -3.78
CA ILE B 166 23.40 -1.11 -2.99
C ILE B 166 23.58 -0.70 -1.53
N TRP B 167 22.82 0.30 -1.11
CA TRP B 167 22.88 0.79 0.28
C TRP B 167 22.15 -0.10 1.28
N CYS B 168 20.94 -0.52 0.91
CA CYS B 168 20.15 -1.47 1.70
C CYS B 168 19.19 -2.15 0.75
N GLU B 169 18.27 -2.95 1.30
CA GLU B 169 17.30 -3.66 0.47
C GLU B 169 16.25 -2.72 -0.10
N ASP B 170 16.16 -1.54 0.50
CA ASP B 170 15.15 -0.54 0.12
C ASP B 170 15.57 0.35 -1.06
N PHE B 171 16.86 0.65 -1.18
CA PHE B 171 17.36 1.49 -2.27
C PHE B 171 18.82 1.27 -2.67
N LEU B 172 19.13 1.60 -3.93
CA LEU B 172 20.49 1.58 -4.44
C LEU B 172 20.78 2.85 -5.26
N VAL B 173 22.02 3.04 -5.70
CA VAL B 173 22.42 4.22 -6.47
C VAL B 173 23.29 3.78 -7.66
N ARG B 174 22.85 4.08 -8.88
CA ARG B 174 23.69 3.91 -10.06
C ARG B 174 24.27 5.23 -10.52
N SER B 175 25.56 5.21 -10.82
CA SER B 175 26.26 6.35 -11.43
C SER B 175 26.51 6.06 -12.90
N PHE B 176 26.26 7.05 -13.75
CA PHE B 176 26.41 6.88 -15.19
C PHE B 176 27.33 7.92 -15.83
N TYR B 177 28.02 7.48 -16.88
CA TYR B 177 28.73 8.33 -17.81
C TYR B 177 27.93 8.43 -19.12
N LEU B 178 27.47 9.63 -19.44
N LEU B 178 27.44 9.64 -19.40
CA LEU B 178 26.58 9.83 -20.60
CA LEU B 178 26.66 9.87 -20.61
C LEU B 178 27.23 10.63 -21.72
C LEU B 178 27.55 10.45 -21.67
N LYS B 179 27.31 10.04 -22.92
CA LYS B 179 27.98 10.64 -24.06
C LYS B 179 27.02 10.83 -25.21
N ASN B 180 26.96 12.07 -25.71
CA ASN B 180 26.35 12.33 -26.99
C ASN B 180 27.34 11.99 -28.08
N VAL B 181 27.07 10.93 -28.84
CA VAL B 181 28.07 10.37 -29.75
C VAL B 181 28.21 11.21 -31.02
N GLN B 182 27.23 12.08 -31.24
CA GLN B 182 27.26 13.07 -32.30
C GLN B 182 28.20 14.24 -31.96
N THR B 183 27.91 14.94 -30.86
CA THR B 183 28.67 16.14 -30.48
C THR B 183 29.94 15.78 -29.72
N GLN B 184 29.98 14.56 -29.17
CA GLN B 184 31.09 14.10 -28.31
C GLN B 184 31.15 14.74 -26.92
N GLU B 185 30.14 15.54 -26.58
CA GLU B 185 29.96 16.08 -25.22
C GLU B 185 29.60 14.97 -24.23
N THR B 186 30.06 15.14 -22.99
CA THR B 186 29.89 14.16 -21.96
C THR B 186 29.25 14.76 -20.71
N ARG B 187 28.61 13.90 -19.91
CA ARG B 187 28.06 14.31 -18.63
C ARG B 187 28.08 13.11 -17.70
N THR B 188 28.15 13.37 -16.39
CA THR B 188 27.87 12.36 -15.39
C THR B 188 26.45 12.48 -14.84
N LEU B 189 25.85 11.35 -14.49
CA LEU B 189 24.47 11.32 -14.02
C LEU B 189 24.36 10.26 -12.92
N THR B 190 23.59 10.58 -11.89
CA THR B 190 23.30 9.63 -10.82
C THR B 190 21.83 9.29 -10.86
N GLN B 191 21.54 7.99 -10.86
CA GLN B 191 20.19 7.49 -10.72
C GLN B 191 19.98 6.93 -9.32
N PHE B 192 19.03 7.51 -8.60
CA PHE B 192 18.66 7.00 -7.30
C PHE B 192 17.42 6.13 -7.49
N HIS B 193 17.54 4.85 -7.12
CA HIS B 193 16.47 3.88 -7.37
C HIS B 193 15.90 3.30 -6.06
N PHE B 194 14.67 3.70 -5.75
CA PHE B 194 13.90 3.18 -4.63
C PHE B 194 13.12 1.94 -5.03
N LEU B 195 13.35 0.85 -4.29
CA LEU B 195 12.93 -0.49 -4.70
C LEU B 195 11.66 -0.95 -3.97
N SER B 196 11.37 -0.30 -2.85
CA SER B 196 10.46 -0.82 -1.81
C SER B 196 9.17 0.00 -1.65
N TRP B 197 8.76 0.72 -2.70
CA TRP B 197 7.51 1.51 -2.66
C TRP B 197 6.44 0.89 -3.57
N PRO B 198 5.36 0.35 -2.96
CA PRO B 198 4.27 -0.26 -3.75
C PRO B 198 3.39 0.80 -4.43
N ALA B 199 2.83 0.45 -5.59
CA ALA B 199 1.93 1.33 -6.33
C ALA B 199 0.61 1.54 -5.58
N GLU B 200 0.12 0.48 -4.97
CA GLU B 200 -1.07 0.53 -4.15
C GLU B 200 -0.66 0.44 -2.68
N GLY B 201 -1.27 1.24 -1.82
CA GLY B 201 -0.83 1.37 -0.43
C GLY B 201 0.58 1.93 -0.30
N THR B 202 1.04 2.08 0.94
CA THR B 202 2.27 2.82 1.21
C THR B 202 3.31 1.92 1.88
N PRO B 203 4.59 2.34 1.91
CA PRO B 203 5.53 1.70 2.84
C PRO B 203 5.13 1.87 4.30
N ALA B 204 5.35 0.83 5.09
CA ALA B 204 4.98 0.85 6.50
C ALA B 204 5.81 1.82 7.33
N SER B 205 7.02 2.13 6.87
CA SER B 205 7.84 3.16 7.48
C SER B 205 8.15 4.29 6.48
N THR B 206 8.29 5.50 6.98
CA THR B 206 8.75 6.63 6.16
C THR B 206 10.30 6.71 6.11
N ARG B 207 10.98 6.06 7.05
CA ARG B 207 12.42 6.27 7.27
C ARG B 207 13.38 5.89 6.12
N PRO B 208 13.19 4.72 5.49
CA PRO B 208 14.05 4.43 4.33
C PRO B 208 13.92 5.46 3.20
N LEU B 209 12.70 5.90 2.92
CA LEU B 209 12.46 6.94 1.93
C LEU B 209 13.10 8.29 2.29
N LEU B 210 13.02 8.65 3.56
CA LEU B 210 13.66 9.87 4.03
C LEU B 210 15.18 9.82 4.03
N ASP B 211 15.74 8.64 4.26
CA ASP B 211 17.19 8.42 4.14
C ASP B 211 17.65 8.54 2.69
N PHE B 212 16.84 7.98 1.81
CA PHE B 212 17.02 8.04 0.37
C PHE B 212 16.99 9.49 -0.13
N ARG B 213 15.96 10.22 0.29
CA ARG B 213 15.84 11.64 -0.01
C ARG B 213 17.06 12.49 0.40
N ARG B 214 17.63 12.21 1.57
CA ARG B 214 18.89 12.84 2.00
C ARG B 214 20.03 12.63 0.99
N LYS B 215 20.15 11.39 0.49
CA LYS B 215 21.19 11.08 -0.47
C LYS B 215 20.95 11.76 -1.82
N VAL B 216 19.69 11.82 -2.24
CA VAL B 216 19.29 12.52 -3.46
C VAL B 216 19.69 13.99 -3.41
N ASN B 217 19.43 14.64 -2.27
CA ASN B 217 19.56 16.10 -2.17
C ASN B 217 20.98 16.60 -1.86
N LYS B 218 21.87 15.69 -1.49
CA LYS B 218 23.28 16.07 -1.40
CA LYS B 218 23.29 16.01 -1.36
C LYS B 218 24.10 15.66 -2.62
N CYS B 219 23.43 15.04 -3.59
CA CYS B 219 24.02 14.86 -4.91
C CYS B 219 24.15 16.17 -5.68
N TYR B 220 25.20 16.25 -6.50
CA TYR B 220 25.34 17.32 -7.48
C TYR B 220 24.22 17.31 -8.53
N ARG B 221 23.59 18.47 -8.69
CA ARG B 221 22.26 18.57 -9.24
C ARG B 221 22.34 19.38 -10.54
N GLY B 222 23.53 19.91 -10.82
CA GLY B 222 23.74 20.68 -12.02
C GLY B 222 23.59 22.16 -11.73
N ARG B 223 23.74 22.96 -12.78
CA ARG B 223 23.63 24.41 -12.70
C ARG B 223 22.19 24.81 -12.95
N SER B 224 21.41 24.92 -11.86
CA SER B 224 19.98 25.20 -11.91
C SER B 224 19.20 24.23 -12.81
N CYS B 225 19.53 22.93 -12.71
CA CYS B 225 18.95 21.92 -13.56
C CYS B 225 17.87 21.14 -12.78
N PRO B 226 16.86 20.61 -13.48
CA PRO B 226 15.80 19.86 -12.79
C PRO B 226 16.24 18.45 -12.39
N ILE B 227 15.62 17.94 -11.32
CA ILE B 227 15.68 16.52 -10.95
C ILE B 227 14.54 15.79 -11.69
N ILE B 228 14.88 14.73 -12.41
CA ILE B 228 13.85 13.92 -13.04
C ILE B 228 13.31 12.88 -12.05
N VAL B 229 12.02 12.94 -11.78
CA VAL B 229 11.37 12.01 -10.87
C VAL B 229 10.36 11.17 -11.68
N HIS B 230 10.42 9.86 -11.54
CA HIS B 230 9.46 8.99 -12.22
C HIS B 230 9.11 7.76 -11.40
N CYS B 231 7.93 7.22 -11.66
CA CYS B 231 7.54 5.91 -11.16
C CYS B 231 7.04 5.10 -12.35
N SER B 232 5.76 4.73 -12.31
CA SER B 232 5.10 4.10 -13.46
C SER B 232 4.26 5.11 -14.22
N ASP B 233 3.18 5.58 -13.58
CA ASP B 233 2.30 6.58 -14.21
C ASP B 233 2.86 8.02 -14.18
N GLY B 234 3.89 8.23 -13.37
CA GLY B 234 4.41 9.57 -13.08
C GLY B 234 3.46 10.48 -12.34
N ALA B 235 2.48 9.88 -11.65
CA ALA B 235 1.54 10.64 -10.82
C ALA B 235 1.52 10.19 -9.34
N GLY B 236 1.55 8.86 -9.11
CA GLY B 236 1.20 8.30 -7.81
C GLY B 236 2.30 8.45 -6.78
N ARG B 237 3.32 7.61 -6.91
CA ARG B 237 4.53 7.73 -6.13
C ARG B 237 5.32 9.00 -6.44
N THR B 238 5.46 9.32 -7.73
CA THR B 238 6.10 10.58 -8.17
C THR B 238 5.54 11.84 -7.47
N GLY B 239 4.21 11.99 -7.51
CA GLY B 239 3.55 13.11 -6.85
C GLY B 239 3.81 13.19 -5.35
N THR B 240 3.74 12.03 -4.70
CA THR B 240 3.99 11.91 -3.26
C THR B 240 5.42 12.28 -2.87
N TYR B 241 6.39 11.77 -3.63
CA TYR B 241 7.79 12.16 -3.44
C TYR B 241 7.95 13.69 -3.53
N ILE B 242 7.48 14.26 -4.64
CA ILE B 242 7.62 15.67 -4.91
C ILE B 242 6.93 16.50 -3.82
N LEU B 243 5.78 16.02 -3.31
CA LEU B 243 5.07 16.74 -2.26
C LEU B 243 5.84 16.77 -0.93
N ILE B 244 6.39 15.63 -0.51
CA ILE B 244 7.22 15.53 0.69
C ILE B 244 8.44 16.42 0.57
N ASP B 245 9.09 16.37 -0.59
CA ASP B 245 10.34 17.08 -0.84
C ASP B 245 10.11 18.60 -0.89
N MET B 246 9.06 19.02 -1.59
CA MET B 246 8.65 20.43 -1.65
C MET B 246 8.38 21.05 -0.28
N VAL B 247 7.51 20.40 0.51
CA VAL B 247 7.16 20.86 1.85
C VAL B 247 8.39 20.99 2.76
N LEU B 248 9.21 19.95 2.79
CA LEU B 248 10.43 19.94 3.58
C LEU B 248 11.47 20.95 3.14
N ASN B 249 11.60 21.16 1.83
CA ASN B 249 12.49 22.17 1.29
C ASN B 249 12.01 23.59 1.65
N ARG B 250 10.71 23.82 1.53
CA ARG B 250 10.10 25.11 1.91
C ARG B 250 10.34 25.43 3.40
N MET B 251 10.13 24.42 4.25
CA MET B 251 10.37 24.54 5.68
C MET B 251 11.82 24.91 6.00
N ALA B 252 12.77 24.30 5.28
CA ALA B 252 14.19 24.58 5.46
C ALA B 252 14.61 26.01 5.10
N LYS B 253 13.97 26.60 4.09
CA LYS B 253 14.14 28.03 3.78
C LYS B 253 13.38 28.95 4.76
N GLY B 254 12.61 28.36 5.67
CA GLY B 254 11.79 29.12 6.62
C GLY B 254 10.44 29.59 6.12
N VAL B 255 9.86 28.88 5.18
CA VAL B 255 8.49 29.20 4.86
C VAL B 255 7.72 28.38 5.92
N LYS B 256 6.56 28.81 6.37
CA LYS B 256 5.86 28.03 7.37
C LYS B 256 4.78 27.08 6.83
N GLU B 257 5.22 26.08 6.09
CA GLU B 257 4.32 25.10 5.51
C GLU B 257 3.41 24.47 6.55
N ILE B 258 2.14 24.82 6.48
CA ILE B 258 1.18 24.27 7.39
C ILE B 258 -0.06 23.91 6.60
N ASP B 259 0.09 23.87 5.28
CA ASP B 259 -1.02 23.54 4.42
C ASP B 259 -0.59 22.64 3.28
N ILE B 260 -0.28 21.40 3.63
CA ILE B 260 0.14 20.41 2.68
C ILE B 260 -0.89 20.21 1.56
N ALA B 261 -2.16 20.37 1.91
CA ALA B 261 -3.25 20.25 0.94
C ALA B 261 -3.20 21.36 -0.10
N ALA B 262 -2.91 22.59 0.33
CA ALA B 262 -2.71 23.69 -0.61
C ALA B 262 -1.48 23.47 -1.49
N THR B 263 -0.43 22.88 -0.92
CA THR B 263 0.79 22.59 -1.68
C THR B 263 0.53 21.54 -2.76
N LEU B 264 -0.26 20.52 -2.43
CA LEU B 264 -0.68 19.53 -3.41
C LEU B 264 -1.51 20.14 -4.55
N GLU B 265 -2.40 21.08 -4.20
CA GLU B 265 -3.09 21.91 -5.19
C GLU B 265 -2.14 22.65 -6.13
N HIS B 266 -1.08 23.23 -5.58
CA HIS B 266 -0.05 23.89 -6.36
C HIS B 266 0.69 22.93 -7.33
N VAL B 267 0.87 21.69 -6.91
CA VAL B 267 1.47 20.64 -7.76
C VAL B 267 0.52 20.19 -8.87
N ARG B 268 -0.75 20.01 -8.51
CA ARG B 268 -1.81 19.65 -9.46
C ARG B 268 -2.19 20.74 -10.48
N ASP B 269 -1.86 21.98 -10.17
CA ASP B 269 -1.90 23.05 -11.16
C ASP B 269 -0.89 22.83 -12.28
N GLN B 270 0.09 21.95 -12.04
CA GLN B 270 1.23 21.76 -12.95
C GLN B 270 1.28 20.41 -13.66
N ARG B 271 0.82 19.35 -12.98
CA ARG B 271 0.56 18.05 -13.61
C ARG B 271 -0.65 17.40 -12.91
N PRO B 272 -1.63 16.91 -13.70
CA PRO B 272 -2.90 16.47 -13.11
C PRO B 272 -2.80 15.13 -12.39
N GLY B 273 -3.54 14.97 -11.30
CA GLY B 273 -3.75 13.67 -10.68
C GLY B 273 -2.66 13.21 -9.71
N LEU B 274 -1.75 14.11 -9.35
CA LEU B 274 -0.56 13.75 -8.57
C LEU B 274 -0.94 13.49 -7.13
N VAL B 275 -0.37 12.44 -6.55
CA VAL B 275 -0.88 11.81 -5.32
C VAL B 275 -2.25 11.16 -5.56
N ARG B 276 -2.24 9.87 -5.89
CA ARG B 276 -3.48 9.18 -6.26
C ARG B 276 -4.38 8.58 -5.19
N SER B 277 -3.86 8.41 -3.98
CA SER B 277 -4.67 7.81 -2.92
C SER B 277 -4.51 8.61 -1.65
N LYS B 278 -5.50 8.46 -0.77
CA LYS B 278 -5.50 9.10 0.53
C LYS B 278 -4.38 8.57 1.41
N ASP B 279 -4.04 7.28 1.25
CA ASP B 279 -2.89 6.70 1.92
C ASP B 279 -1.59 7.42 1.58
N GLN B 280 -1.41 7.78 0.30
CA GLN B 280 -0.24 8.54 -0.16
C GLN B 280 -0.24 9.99 0.34
N PHE B 281 -1.42 10.58 0.43
CA PHE B 281 -1.58 11.88 1.07
C PHE B 281 -1.15 11.86 2.53
N GLU B 282 -1.68 10.90 3.27
CA GLU B 282 -1.39 10.77 4.70
C GLU B 282 0.06 10.33 5.01
N PHE B 283 0.59 9.44 4.17
CA PHE B 283 2.01 9.08 4.19
C PHE B 283 2.94 10.27 3.95
N ALA B 284 2.57 11.15 3.01
CA ALA B 284 3.37 12.36 2.74
C ALA B 284 3.50 13.22 3.99
N LEU B 285 2.39 13.42 4.68
CA LEU B 285 2.33 14.17 5.93
C LEU B 285 3.10 13.49 7.09
N THR B 286 3.01 12.17 7.15
CA THR B 286 3.78 11.40 8.13
C THR B 286 5.28 11.52 7.88
N ALA B 287 5.69 11.44 6.61
CA ALA B 287 7.09 11.60 6.21
C ALA B 287 7.64 12.96 6.58
N VAL B 288 6.88 14.02 6.28
CA VAL B 288 7.29 15.38 6.64
C VAL B 288 7.46 15.53 8.16
N ALA B 289 6.50 15.01 8.92
CA ALA B 289 6.56 15.04 10.38
C ALA B 289 7.69 14.20 10.98
N GLU B 290 7.95 13.05 10.38
CA GLU B 290 9.08 12.19 10.80
C GLU B 290 10.46 12.85 10.56
N GLU B 291 10.61 13.56 9.44
CA GLU B 291 11.85 14.26 9.13
C GLU B 291 12.12 15.45 10.03
N VAL B 292 11.10 16.28 10.26
CA VAL B 292 11.21 17.37 11.24
C VAL B 292 11.59 16.84 12.63
N ASN B 293 10.98 15.73 13.03
CA ASN B 293 11.29 15.07 14.30
C ASN B 293 12.74 14.59 14.39
N ALA B 294 13.23 14.00 13.29
CA ALA B 294 14.62 13.55 13.19
C ALA B 294 15.64 14.71 13.29
N ILE B 295 15.36 15.81 12.60
CA ILE B 295 16.18 17.03 12.63
C ILE B 295 16.28 17.64 14.05
N LEU B 296 15.20 17.58 14.80
CA LEU B 296 15.17 18.11 16.17
C LEU B 296 15.91 17.23 17.16
N LYS B 297 15.77 15.92 17.02
CA LYS B 297 16.46 14.96 17.89
C LYS B 297 17.99 14.98 17.73
N ALA B 298 18.46 15.18 16.50
CA ALA B 298 19.86 15.49 16.26
C ALA B 298 20.17 16.93 16.70
C1 GOL C . -3.79 -4.30 25.16
O1 GOL C . -5.18 -4.32 24.96
C2 GOL C . -3.49 -3.74 26.56
O2 GOL C . -3.85 -4.69 27.53
C3 GOL C . -2.01 -3.42 26.71
O3 GOL C . -1.81 -2.60 27.85
C1 GOL D . 13.47 21.42 10.17
O1 GOL D . 13.21 22.47 11.08
C2 GOL D . 13.13 21.84 8.75
O2 GOL D . 12.00 21.14 8.30
C3 GOL D . 14.28 21.49 7.80
O3 GOL D . 13.86 20.46 6.94
#